data_6QMU
#
_entry.id   6QMU
#
_cell.length_a   130.486
_cell.length_b   44.150
_cell.length_c   92.167
_cell.angle_alpha   90.000
_cell.angle_beta   133.470
_cell.angle_gamma   90.000
#
_symmetry.space_group_name_H-M   'C 1 2 1'
#
loop_
_entity.id
_entity.type
_entity.pdbx_description
1 polymer 'Neutrophil gelatinase-associated lipocalin'
2 non-polymer 3-nitrophenol
3 water water
#
_entity_poly.entity_id   1
_entity_poly.type   'polypeptide(L)'
_entity_poly.pdbx_seq_one_letter_code
;QDSTSDLIPAPPLSKVPLQQNFQDNQFHGKWYVVG(7N8)AGNAILREDKDPQKMFATIYELKEDKSYNVTSVLFRKKKC
DYWIRTFVPGSQPGEFTLGNIKSYPGLTSYLVRVVSTNYNQHAMVFFKWVSQNREYFNITLYGRTKELTSELKENFIRFS
KSLGLPENHIVFPVPIDQCIDGSAWSHPQFEK
;
_entity_poly.pdbx_strand_id   A,B
#
loop_
_chem_comp.id
_chem_comp.type
_chem_comp.name
_chem_comp.formula
ZCQ non-polymer 3-nitrophenol 'C6 H5 N O3'
#
# COMPACT_ATOMS: atom_id res chain seq x y z
N SER A 5 -1.42 32.66 -3.03
CA SER A 5 -2.50 31.98 -2.26
C SER A 5 -2.20 30.48 -2.15
N ASP A 6 -2.26 29.94 -0.94
CA ASP A 6 -1.99 28.53 -0.69
C ASP A 6 -3.29 27.73 -0.84
N LEU A 7 -3.09 26.42 -1.06
CA LEU A 7 -4.15 25.44 -1.17
C LEU A 7 -4.62 25.08 0.24
N ILE A 8 -5.91 24.72 0.37
CA ILE A 8 -6.39 23.98 1.54
C ILE A 8 -5.47 22.77 1.74
N PRO A 9 -4.89 22.56 2.94
CA PRO A 9 -3.94 21.46 3.14
C PRO A 9 -4.61 20.10 2.92
N ALA A 10 -3.84 19.14 2.41
CA ALA A 10 -4.30 17.77 2.27
C ALA A 10 -4.55 17.18 3.65
N PRO A 11 -5.60 16.38 3.86
CA PRO A 11 -5.92 15.88 5.20
C PRO A 11 -4.89 14.80 5.52
N PRO A 12 -4.71 14.50 6.82
CA PRO A 12 -3.89 13.35 7.21
C PRO A 12 -4.65 12.09 6.79
N LEU A 13 -3.91 11.07 6.38
CA LEU A 13 -4.48 9.82 5.88
C LEU A 13 -5.37 9.16 6.94
N SER A 14 -5.20 9.57 8.20
CA SER A 14 -5.96 9.14 9.37
C SER A 14 -7.45 9.44 9.20
N LYS A 15 -7.74 10.55 8.50
CA LYS A 15 -9.11 11.00 8.28
C LYS A 15 -9.71 10.36 7.03
N VAL A 16 -8.90 9.59 6.30
CA VAL A 16 -9.30 8.99 5.04
C VAL A 16 -9.35 7.48 5.26
N PRO A 17 -10.55 6.89 5.49
CA PRO A 17 -10.69 5.45 5.62
C PRO A 17 -10.24 4.67 4.36
N LEU A 18 -9.91 3.40 4.58
CA LEU A 18 -9.53 2.46 3.56
C LEU A 18 -10.57 1.34 3.52
N GLN A 19 -11.16 1.09 2.35
CA GLN A 19 -12.08 -0.05 2.14
C GLN A 19 -11.45 -1.33 2.69
N GLN A 20 -12.07 -1.90 3.73
CA GLN A 20 -11.62 -3.17 4.32
C GLN A 20 -11.76 -4.29 3.29
N ASN A 21 -10.76 -5.18 3.29
CA ASN A 21 -10.69 -6.42 2.48
C ASN A 21 -11.06 -6.09 1.03
N PHE A 22 -10.36 -5.07 0.51
CA PHE A 22 -10.58 -4.58 -0.83
C PHE A 22 -10.45 -5.75 -1.83
N GLN A 23 -11.36 -5.81 -2.79
CA GLN A 23 -11.41 -6.88 -3.79
C GLN A 23 -11.08 -6.29 -5.18
N ASP A 24 -9.84 -6.50 -5.64
CA ASP A 24 -9.33 -5.85 -6.84
C ASP A 24 -10.11 -6.31 -8.08
N ASN A 25 -10.55 -7.58 -8.12
CA ASN A 25 -11.27 -8.14 -9.25
C ASN A 25 -12.65 -7.48 -9.38
N GLN A 26 -13.36 -7.31 -8.27
CA GLN A 26 -14.73 -6.74 -8.27
C GLN A 26 -14.72 -5.23 -8.57
N PHE A 27 -13.59 -4.55 -8.35
CA PHE A 27 -13.49 -3.12 -8.59
C PHE A 27 -13.28 -2.81 -10.09
N HIS A 28 -12.97 -3.82 -10.91
CA HIS A 28 -12.59 -3.62 -12.30
C HIS A 28 -13.75 -3.01 -13.10
N GLY A 29 -13.40 -2.54 -14.30
CA GLY A 29 -14.34 -2.12 -15.32
C GLY A 29 -14.58 -0.61 -15.30
N LYS A 30 -15.72 -0.20 -15.84
CA LYS A 30 -16.00 1.20 -16.09
C LYS A 30 -16.75 1.84 -14.91
N TRP A 31 -16.29 3.03 -14.53
CA TRP A 31 -16.92 3.87 -13.55
C TRP A 31 -17.14 5.26 -14.17
N TYR A 32 -18.27 5.88 -13.82
CA TYR A 32 -18.51 7.27 -14.21
C TYR A 32 -18.16 8.19 -13.05
N VAL A 33 -17.61 9.35 -13.37
CA VAL A 33 -17.33 10.38 -12.38
C VAL A 33 -18.60 11.20 -12.10
N VAL A 34 -19.29 10.86 -10.99
CA VAL A 34 -20.58 11.43 -10.61
C VAL A 34 -20.36 12.62 -9.67
N GLY A 35 -19.31 12.54 -8.84
CA GLY A 35 -18.87 13.65 -8.02
C GLY A 35 -17.35 13.78 -8.02
O 7N8 A 36 -15.75 17.56 -7.26
C 7N8 A 36 -15.16 16.51 -6.99
CA 7N8 A 36 -15.42 15.27 -7.82
N 7N8 A 36 -16.86 15.02 -7.83
CB 7N8 A 36 -14.92 15.51 -9.25
CG 7N8 A 36 -13.43 15.33 -9.45
CD2 7N8 A 36 -12.53 16.24 -8.94
CE2 7N8 A 36 -11.18 16.17 -9.27
CZ 7N8 A 36 -10.71 15.16 -10.09
BZ 7N8 A 36 -9.16 15.05 -10.55
OB1 7N8 A 36 -8.14 15.45 -9.61
OB2 7N8 A 36 -8.92 15.78 -11.86
CE1 7N8 A 36 -11.60 14.21 -10.54
CD1 7N8 A 36 -12.95 14.29 -10.22
N ALA A 37 -14.37 16.34 -5.93
CA ALA A 37 -14.12 17.42 -4.98
C ALA A 37 -12.63 17.47 -4.65
N GLY A 38 -12.06 18.66 -4.50
CA GLY A 38 -10.63 18.78 -4.32
C GLY A 38 -10.16 20.21 -4.11
N ASN A 39 -8.91 20.32 -3.63
CA ASN A 39 -8.34 21.61 -3.26
C ASN A 39 -7.92 22.40 -4.50
N ALA A 40 -7.92 21.76 -5.67
CA ALA A 40 -7.55 22.42 -6.93
C ALA A 40 -8.71 22.38 -7.94
N ILE A 41 -9.92 22.02 -7.51
CA ILE A 41 -11.05 22.08 -8.41
C ILE A 41 -12.08 23.08 -7.84
N LEU A 42 -12.61 23.88 -8.76
CA LEU A 42 -13.60 24.88 -8.40
C LEU A 42 -14.87 24.64 -9.21
N ARG A 43 -16.00 24.63 -8.52
CA ARG A 43 -17.29 24.54 -9.13
C ARG A 43 -17.51 25.86 -9.89
N GLU A 44 -18.01 25.73 -11.10
CA GLU A 44 -18.28 26.86 -11.99
C GLU A 44 -19.52 26.50 -12.81
N ASP A 45 -20.65 27.14 -12.51
CA ASP A 45 -21.96 26.71 -13.03
C ASP A 45 -22.24 27.30 -14.43
N LYS A 46 -21.52 28.33 -14.86
CA LYS A 46 -21.80 28.94 -16.18
C LYS A 46 -21.42 27.98 -17.31
N ASP A 47 -20.26 27.32 -17.17
CA ASP A 47 -19.76 26.33 -18.11
C ASP A 47 -19.31 25.10 -17.32
N PRO A 48 -20.23 24.26 -16.81
CA PRO A 48 -19.85 23.26 -15.80
C PRO A 48 -19.05 22.11 -16.43
N GLN A 49 -18.29 21.43 -15.57
CA GLN A 49 -17.55 20.29 -15.98
C GLN A 49 -18.55 19.22 -16.47
N LYS A 50 -18.19 18.57 -17.58
CA LYS A 50 -18.89 17.43 -18.08
C LYS A 50 -18.37 16.17 -17.41
N MET A 51 -19.26 15.18 -17.31
CA MET A 51 -18.94 13.88 -16.78
C MET A 51 -17.88 13.20 -17.65
N PHE A 52 -16.97 12.45 -16.99
CA PHE A 52 -16.07 11.57 -17.69
C PHE A 52 -16.10 10.18 -17.06
N ALA A 53 -15.48 9.22 -17.76
CA ALA A 53 -15.45 7.83 -17.33
C ALA A 53 -13.99 7.41 -17.13
N THR A 54 -13.81 6.47 -16.21
CA THR A 54 -12.49 5.87 -15.91
C THR A 54 -12.70 4.35 -15.85
N ILE A 55 -11.90 3.63 -16.66
CA ILE A 55 -11.93 2.18 -16.80
C ILE A 55 -10.68 1.61 -16.15
N TYR A 56 -10.90 0.71 -15.19
CA TYR A 56 -9.88 0.00 -14.43
C TYR A 56 -9.74 -1.44 -14.94
N GLU A 57 -8.65 -1.74 -15.65
CA GLU A 57 -8.41 -3.08 -16.16
C GLU A 57 -7.34 -3.72 -15.26
N LEU A 58 -7.71 -4.82 -14.59
CA LEU A 58 -6.82 -5.53 -13.66
C LEU A 58 -5.86 -6.39 -14.48
N LYS A 59 -4.57 -6.13 -14.32
CA LYS A 59 -3.56 -6.83 -15.10
C LYS A 59 -3.16 -8.12 -14.39
N GLU A 60 -2.59 -9.04 -15.17
CA GLU A 60 -2.00 -10.30 -14.67
C GLU A 60 -1.20 -10.04 -13.38
N ASP A 61 -0.35 -9.01 -13.38
CA ASP A 61 0.56 -8.68 -12.27
C ASP A 61 -0.17 -7.89 -11.17
N LYS A 62 -1.49 -7.70 -11.29
CA LYS A 62 -2.40 -7.18 -10.22
C LYS A 62 -2.32 -5.64 -10.09
N SER A 63 -1.51 -4.99 -10.95
CA SER A 63 -1.66 -3.57 -11.27
C SER A 63 -2.94 -3.36 -12.10
N TYR A 64 -3.45 -2.12 -12.13
CA TYR A 64 -4.50 -1.64 -13.02
C TYR A 64 -3.91 -0.79 -14.15
N ASN A 65 -4.32 -1.08 -15.38
CA ASN A 65 -4.26 -0.09 -16.48
C ASN A 65 -5.55 0.73 -16.36
N VAL A 66 -5.40 2.03 -16.12
CA VAL A 66 -6.46 2.94 -15.82
C VAL A 66 -6.59 3.96 -16.97
N THR A 67 -7.75 3.98 -17.63
CA THR A 67 -7.98 4.78 -18.76
C THR A 67 -9.18 5.69 -18.54
N SER A 68 -8.92 7.01 -18.42
CA SER A 68 -9.98 7.97 -18.35
C SER A 68 -10.31 8.42 -19.77
N VAL A 69 -11.61 8.53 -20.06
CA VAL A 69 -12.15 8.96 -21.34
C VAL A 69 -12.98 10.21 -21.10
N LEU A 70 -12.63 11.30 -21.79
CA LEU A 70 -13.24 12.59 -21.62
C LEU A 70 -13.66 13.16 -22.99
N PHE A 71 -14.68 14.00 -22.98
CA PHE A 71 -15.10 14.77 -24.17
C PHE A 71 -14.55 16.19 -24.01
N ARG A 72 -13.63 16.59 -24.89
CA ARG A 72 -12.93 17.88 -24.75
C ARG A 72 -12.78 18.50 -26.13
N LYS A 73 -13.18 19.78 -26.24
CA LYS A 73 -13.58 20.45 -27.49
C LYS A 73 -14.57 19.54 -28.24
N LYS A 74 -14.20 19.07 -29.43
CA LYS A 74 -15.01 18.12 -30.19
C LYS A 74 -14.16 16.90 -30.53
N LYS A 75 -13.48 16.37 -29.51
CA LYS A 75 -12.77 15.12 -29.68
C LYS A 75 -12.79 14.40 -28.33
N CYS A 76 -12.51 13.10 -28.40
CA CYS A 76 -12.35 12.30 -27.20
C CYS A 76 -10.92 12.51 -26.72
N ASP A 77 -10.75 12.69 -25.41
CA ASP A 77 -9.45 12.80 -24.77
C ASP A 77 -9.22 11.58 -23.89
N TYR A 78 -7.96 11.25 -23.60
CA TYR A 78 -7.65 10.16 -22.70
C TYR A 78 -6.57 10.56 -21.70
N TRP A 79 -6.63 9.89 -20.55
CA TRP A 79 -5.48 9.80 -19.64
C TRP A 79 -5.30 8.33 -19.28
N ILE A 80 -4.23 7.73 -19.80
CA ILE A 80 -3.92 6.35 -19.55
C ILE A 80 -2.74 6.32 -18.56
N ARG A 81 -2.90 5.51 -17.51
CA ARG A 81 -1.83 5.37 -16.53
C ARG A 81 -1.99 4.06 -15.77
N THR A 82 -0.96 3.71 -15.03
CA THR A 82 -0.87 2.47 -14.30
C THR A 82 -0.97 2.76 -12.81
N PHE A 83 -1.87 2.07 -12.12
CA PHE A 83 -1.93 2.08 -10.67
C PHE A 83 -1.27 0.79 -10.15
N VAL A 84 -0.20 0.95 -9.39
CA VAL A 84 0.62 -0.17 -8.86
C VAL A 84 0.18 -0.42 -7.43
N PRO A 85 -0.01 -1.69 -6.99
CA PRO A 85 -0.45 -1.96 -5.62
C PRO A 85 0.52 -1.31 -4.63
N GLY A 86 -0.03 -0.68 -3.59
CA GLY A 86 0.78 -0.01 -2.57
C GLY A 86 0.92 -0.90 -1.35
N SER A 87 1.14 -0.25 -0.21
CA SER A 87 1.51 -0.87 1.06
C SER A 87 0.38 -1.72 1.65
N GLN A 88 -0.86 -1.32 1.36
CA GLN A 88 -2.03 -2.02 1.86
C GLN A 88 -3.02 -2.24 0.72
N PRO A 89 -3.85 -3.30 0.77
CA PRO A 89 -4.85 -3.57 -0.26
C PRO A 89 -5.86 -2.42 -0.37
N GLY A 90 -6.08 -1.93 -1.59
CA GLY A 90 -6.94 -0.80 -1.83
C GLY A 90 -6.16 0.50 -1.93
N GLU A 91 -4.83 0.43 -1.75
CA GLU A 91 -3.96 1.55 -1.97
C GLU A 91 -3.13 1.31 -3.23
N PHE A 92 -2.86 2.38 -3.98
CA PHE A 92 -2.07 2.30 -5.19
C PHE A 92 -1.20 3.55 -5.29
N THR A 93 -0.17 3.44 -6.13
CA THR A 93 0.65 4.56 -6.48
C THR A 93 0.71 4.62 -8.00
N LEU A 94 1.18 5.74 -8.52
CA LEU A 94 1.19 5.97 -9.99
C LEU A 94 2.46 5.32 -10.56
N GLY A 95 2.28 4.36 -11.46
CA GLY A 95 3.39 3.74 -12.18
C GLY A 95 4.05 4.74 -13.08
N ASN A 96 5.35 4.58 -13.27
CA ASN A 96 6.16 5.41 -14.17
C ASN A 96 6.05 6.88 -13.75
N ILE A 97 6.20 7.16 -12.45
CA ILE A 97 6.11 8.56 -11.97
C ILE A 97 7.27 9.36 -12.54
N LYS A 98 8.42 8.71 -12.81
CA LYS A 98 9.56 9.38 -13.44
C LYS A 98 9.14 10.13 -14.71
N SER A 99 8.06 9.72 -15.38
CA SER A 99 7.70 10.34 -16.66
C SER A 99 6.79 11.55 -16.46
N TYR A 100 6.43 11.86 -15.21
CA TYR A 100 5.65 13.06 -14.85
C TYR A 100 6.58 14.05 -14.14
N PRO A 101 7.22 15.00 -14.88
CA PRO A 101 8.19 15.92 -14.28
C PRO A 101 7.56 16.80 -13.20
N GLY A 102 8.25 16.94 -12.08
CA GLY A 102 7.78 17.79 -11.00
C GLY A 102 6.84 17.06 -10.04
N LEU A 103 6.38 15.87 -10.46
CA LEU A 103 5.48 15.04 -9.64
C LEU A 103 6.34 14.14 -8.76
N THR A 104 6.31 14.35 -7.45
CA THR A 104 7.19 13.63 -6.56
C THR A 104 6.45 12.48 -5.88
N SER A 105 5.11 12.49 -5.90
CA SER A 105 4.33 11.40 -5.32
C SER A 105 2.88 11.48 -5.80
N TYR A 106 2.23 10.32 -5.88
CA TYR A 106 0.88 10.17 -6.31
C TYR A 106 0.32 8.92 -5.68
N LEU A 107 -0.69 9.12 -4.81
CA LEU A 107 -1.25 8.08 -3.95
C LEU A 107 -2.76 7.98 -4.16
N VAL A 108 -3.24 6.72 -4.25
CA VAL A 108 -4.63 6.39 -4.46
C VAL A 108 -5.08 5.53 -3.27
N ARG A 109 -6.22 5.88 -2.67
CA ARG A 109 -6.80 5.13 -1.54
C ARG A 109 -8.30 4.99 -1.76
N VAL A 110 -8.73 3.73 -1.96
CA VAL A 110 -10.14 3.42 -2.09
C VAL A 110 -10.73 3.50 -0.69
N VAL A 111 -11.67 4.45 -0.52
CA VAL A 111 -12.27 4.75 0.76
C VAL A 111 -13.39 3.74 1.06
N SER A 112 -14.33 3.60 0.12
CA SER A 112 -15.46 2.69 0.25
C SER A 112 -16.05 2.39 -1.13
N THR A 113 -16.56 1.17 -1.28
CA THR A 113 -17.23 0.75 -2.48
C THR A 113 -18.11 -0.45 -2.14
N ASN A 114 -19.21 -0.58 -2.86
CA ASN A 114 -19.97 -1.85 -2.87
C ASN A 114 -19.79 -2.55 -4.23
N TYR A 115 -18.86 -2.04 -5.04
CA TYR A 115 -18.34 -2.70 -6.24
C TYR A 115 -19.34 -2.65 -7.41
N ASN A 116 -20.65 -2.82 -7.17
CA ASN A 116 -21.62 -2.92 -8.29
C ASN A 116 -22.45 -1.64 -8.47
N GLN A 117 -22.31 -0.63 -7.59
CA GLN A 117 -23.05 0.63 -7.75
C GLN A 117 -22.14 1.85 -7.61
N HIS A 118 -21.42 1.94 -6.49
CA HIS A 118 -20.68 3.18 -6.15
C HIS A 118 -19.31 2.87 -5.51
N ALA A 119 -18.45 3.89 -5.58
CA ALA A 119 -17.15 3.90 -4.89
C ALA A 119 -16.75 5.35 -4.62
N MET A 120 -15.99 5.54 -3.55
CA MET A 120 -15.33 6.81 -3.27
C MET A 120 -13.84 6.53 -3.17
N VAL A 121 -13.05 7.29 -3.92
CA VAL A 121 -11.63 7.09 -4.03
C VAL A 121 -10.94 8.43 -3.78
N PHE A 122 -9.88 8.37 -2.99
CA PHE A 122 -9.08 9.52 -2.59
C PHE A 122 -7.76 9.48 -3.35
N PHE A 123 -7.36 10.64 -3.84
CA PHE A 123 -6.10 10.81 -4.56
C PHE A 123 -5.37 11.97 -3.90
N LYS A 124 -4.08 11.78 -3.62
CA LYS A 124 -3.27 12.85 -3.14
C LYS A 124 -1.93 12.83 -3.90
N TRP A 125 -1.48 14.00 -4.34
CA TRP A 125 -0.23 14.07 -5.06
C TRP A 125 0.52 15.36 -4.70
N VAL A 126 1.84 15.33 -4.98
CA VAL A 126 2.72 16.44 -4.70
C VAL A 126 3.45 16.78 -6.00
N SER A 127 3.35 18.04 -6.38
CA SER A 127 3.81 18.56 -7.68
C SER A 127 4.44 19.94 -7.45
N GLN A 128 5.68 20.10 -7.92
CA GLN A 128 6.45 21.32 -7.65
C GLN A 128 6.25 21.76 -6.19
N ASN A 129 6.38 20.83 -5.25
CA ASN A 129 6.40 21.09 -3.81
C ASN A 129 5.04 21.61 -3.27
N ARG A 130 3.94 21.49 -4.04
CA ARG A 130 2.57 21.79 -3.52
C ARG A 130 1.76 20.48 -3.37
N GLU A 131 0.93 20.41 -2.32
CA GLU A 131 0.16 19.22 -1.97
C GLU A 131 -1.27 19.36 -2.51
N TYR A 132 -1.67 18.41 -3.36
CA TYR A 132 -2.99 18.40 -3.98
C TYR A 132 -3.75 17.13 -3.58
N PHE A 133 -5.08 17.20 -3.58
CA PHE A 133 -5.88 16.03 -3.33
C PHE A 133 -7.27 16.18 -3.95
N ASN A 134 -7.90 15.03 -4.23
CA ASN A 134 -9.29 15.03 -4.56
C ASN A 134 -9.95 13.79 -3.98
N ILE A 135 -11.27 13.83 -3.94
CA ILE A 135 -12.11 12.69 -3.68
C ILE A 135 -13.05 12.55 -4.89
N THR A 136 -13.12 11.33 -5.44
CA THR A 136 -13.98 11.03 -6.54
C THR A 136 -15.11 10.14 -6.06
N LEU A 137 -16.34 10.48 -6.49
CA LEU A 137 -17.47 9.61 -6.37
C LEU A 137 -17.74 8.99 -7.75
N TYR A 138 -17.49 7.69 -7.82
CA TYR A 138 -17.72 6.88 -8.99
C TYR A 138 -19.07 6.18 -8.88
N GLY A 139 -19.78 6.11 -10.02
CA GLY A 139 -20.99 5.29 -10.15
C GLY A 139 -20.86 4.34 -11.31
N ARG A 140 -21.54 3.19 -11.22
CA ARG A 140 -21.60 2.26 -12.33
C ARG A 140 -22.58 2.82 -13.36
N THR A 141 -23.48 3.70 -12.92
CA THR A 141 -24.40 4.48 -13.75
C THR A 141 -24.05 5.95 -13.58
N LYS A 142 -24.65 6.80 -14.42
CA LYS A 142 -24.36 8.21 -14.49
C LYS A 142 -25.10 9.00 -13.41
N GLU A 143 -26.07 8.37 -12.74
CA GLU A 143 -26.82 8.99 -11.67
C GLU A 143 -26.62 8.13 -10.42
N LEU A 144 -26.45 8.77 -9.26
CA LEU A 144 -26.56 8.09 -7.96
C LEU A 144 -27.64 8.78 -7.13
N THR A 145 -27.95 8.20 -5.98
CA THR A 145 -29.01 8.68 -5.11
C THR A 145 -28.58 9.99 -4.45
N SER A 146 -29.57 10.76 -4.01
CA SER A 146 -29.33 11.96 -3.23
C SER A 146 -28.57 11.61 -1.95
N GLU A 147 -28.86 10.46 -1.35
CA GLU A 147 -28.20 10.07 -0.12
C GLU A 147 -26.70 9.91 -0.38
N LEU A 148 -26.32 9.18 -1.44
CA LEU A 148 -24.90 8.92 -1.76
C LEU A 148 -24.19 10.25 -2.06
N LYS A 149 -24.92 11.20 -2.67
CA LYS A 149 -24.38 12.47 -3.04
C LYS A 149 -24.23 13.38 -1.80
N GLU A 150 -25.14 13.28 -0.83
CA GLU A 150 -25.05 14.11 0.39
C GLU A 150 -23.94 13.56 1.31
N ASN A 151 -23.81 12.23 1.34
CA ASN A 151 -22.70 11.55 2.00
C ASN A 151 -21.36 12.06 1.47
N PHE A 152 -21.26 12.21 0.15
CA PHE A 152 -20.04 12.66 -0.50
C PHE A 152 -19.72 14.11 -0.10
N ILE A 153 -20.74 14.96 -0.06
CA ILE A 153 -20.58 16.35 0.38
C ILE A 153 -20.07 16.37 1.85
N ARG A 154 -20.70 15.56 2.69
CA ARG A 154 -20.32 15.44 4.12
C ARG A 154 -18.85 15.07 4.25
N PHE A 155 -18.46 13.99 3.55
CA PHE A 155 -17.10 13.49 3.62
C PHE A 155 -16.12 14.54 3.12
N SER A 156 -16.49 15.18 2.00
CA SER A 156 -15.68 16.24 1.41
C SER A 156 -15.42 17.33 2.46
N LYS A 157 -16.50 17.80 3.10
CA LYS A 157 -16.43 18.85 4.10
C LYS A 157 -15.56 18.40 5.29
N SER A 158 -15.65 17.13 5.67
CA SER A 158 -14.82 16.56 6.74
C SER A 158 -13.33 16.60 6.41
N LEU A 159 -12.97 16.66 5.10
CA LEU A 159 -11.57 16.72 4.70
C LEU A 159 -11.12 18.17 4.46
N GLY A 160 -11.99 19.14 4.79
CA GLY A 160 -11.66 20.57 4.78
C GLY A 160 -12.16 21.30 3.53
N LEU A 161 -12.95 20.65 2.68
CA LEU A 161 -13.35 21.26 1.39
C LEU A 161 -14.67 21.99 1.55
N PRO A 162 -14.73 23.32 1.34
CA PRO A 162 -16.03 23.99 1.23
C PRO A 162 -16.80 23.56 -0.04
N GLU A 163 -18.07 23.95 -0.08
CA GLU A 163 -19.01 23.57 -1.10
C GLU A 163 -18.51 24.00 -2.50
N ASN A 164 -17.80 25.13 -2.59
CA ASN A 164 -17.40 25.64 -3.94
C ASN A 164 -16.28 24.80 -4.55
N HIS A 165 -15.77 23.79 -3.82
CA HIS A 165 -14.74 22.87 -4.28
C HIS A 165 -15.32 21.47 -4.57
N ILE A 166 -16.65 21.35 -4.62
CA ILE A 166 -17.38 20.09 -4.82
C ILE A 166 -18.18 20.22 -6.11
N VAL A 167 -17.95 19.31 -7.05
CA VAL A 167 -18.51 19.40 -8.38
C VAL A 167 -19.29 18.10 -8.64
N PHE A 168 -20.47 18.24 -9.24
CA PHE A 168 -21.25 17.08 -9.74
C PHE A 168 -21.30 17.18 -11.26
N PRO A 169 -20.34 16.57 -11.98
CA PRO A 169 -20.24 16.77 -13.42
C PRO A 169 -21.54 16.42 -14.17
N VAL A 170 -21.85 17.20 -15.21
CA VAL A 170 -23.10 17.03 -15.95
C VAL A 170 -22.99 15.79 -16.84
N PRO A 171 -23.93 14.82 -16.74
CA PRO A 171 -23.93 13.65 -17.63
C PRO A 171 -23.96 14.05 -19.12
N ILE A 172 -23.22 13.25 -19.92
CA ILE A 172 -23.10 13.40 -21.36
C ILE A 172 -23.03 11.99 -21.97
N ASP A 173 -23.15 11.93 -23.29
CA ASP A 173 -23.13 10.66 -24.03
C ASP A 173 -21.84 10.48 -24.84
N GLN A 174 -21.36 11.55 -25.48
CA GLN A 174 -20.18 11.52 -26.35
C GLN A 174 -18.95 11.05 -25.55
N CYS A 175 -18.22 10.11 -26.15
CA CYS A 175 -16.93 9.58 -25.71
C CYS A 175 -17.07 8.62 -24.52
N ILE A 176 -17.86 9.00 -23.53
CA ILE A 176 -17.83 8.32 -22.23
C ILE A 176 -18.80 7.14 -22.21
N ASP A 177 -19.80 7.14 -23.09
CA ASP A 177 -20.71 6.00 -23.11
C ASP A 177 -20.77 5.46 -24.54
N GLY A 178 -19.83 4.55 -24.83
CA GLY A 178 -19.70 3.92 -26.14
C GLY A 178 -20.62 2.72 -26.25
N SER A 179 -21.94 3.01 -26.33
CA SER A 179 -23.01 2.01 -26.33
C SER A 179 -24.35 2.61 -25.84
N ALA A 180 -24.42 3.93 -25.65
CA ALA A 180 -25.65 4.59 -25.22
C ALA A 180 -26.51 4.92 -26.45
N TRP A 181 -25.85 5.12 -27.60
CA TRP A 181 -26.55 5.50 -28.81
C TRP A 181 -27.73 6.42 -28.49
N SER A 182 -27.45 7.64 -28.07
CA SER A 182 -28.55 8.48 -27.62
C SER A 182 -29.28 9.03 -28.85
N HIS A 183 -30.54 9.36 -28.64
CA HIS A 183 -31.43 9.94 -29.63
C HIS A 183 -32.33 10.92 -28.91
N PRO A 184 -33.10 11.79 -29.63
CA PRO A 184 -34.08 12.66 -29.00
C PRO A 184 -35.05 11.88 -28.11
N GLN A 185 -35.35 12.43 -26.92
CA GLN A 185 -36.09 11.71 -25.90
C GLN A 185 -37.59 12.01 -26.03
N PHE A 186 -38.39 10.94 -25.99
CA PHE A 186 -39.83 11.02 -26.01
C PHE A 186 -40.31 11.59 -24.67
N GLU A 187 -41.13 12.64 -24.76
CA GLU A 187 -41.72 13.34 -23.61
C GLU A 187 -40.74 13.51 -22.45
N LYS A 188 -39.48 13.81 -22.79
CA LYS A 188 -38.40 14.19 -21.86
C LYS A 188 -38.93 15.21 -20.82
N SER B 5 17.63 11.03 15.99
CA SER B 5 19.00 11.57 16.25
C SER B 5 20.06 10.53 15.82
N ASP B 6 21.05 10.28 16.69
CA ASP B 6 22.22 9.47 16.32
C ASP B 6 21.92 7.97 16.53
N LEU B 7 21.59 7.30 15.42
CA LEU B 7 21.36 5.87 15.38
C LEU B 7 22.71 5.14 15.35
N ILE B 8 22.73 3.93 15.89
CA ILE B 8 23.87 3.02 15.72
C ILE B 8 24.12 2.87 14.22
N PRO B 9 25.35 3.10 13.71
CA PRO B 9 25.60 3.03 12.27
C PRO B 9 25.37 1.60 11.75
N ALA B 10 24.94 1.51 10.49
CA ALA B 10 24.78 0.23 9.81
C ALA B 10 26.14 -0.46 9.70
N PRO B 11 26.20 -1.81 9.85
CA PRO B 11 27.46 -2.53 9.77
C PRO B 11 27.97 -2.50 8.34
N PRO B 12 29.28 -2.76 8.12
CA PRO B 12 29.82 -2.94 6.79
C PRO B 12 29.19 -4.22 6.20
N LEU B 13 28.84 -4.18 4.92
CA LEU B 13 28.07 -5.27 4.32
C LEU B 13 28.90 -6.55 4.32
N SER B 14 30.23 -6.41 4.49
CA SER B 14 31.14 -7.56 4.54
C SER B 14 30.89 -8.42 5.78
N LYS B 15 30.31 -7.83 6.83
CA LYS B 15 29.95 -8.55 8.04
C LYS B 15 28.56 -9.17 7.94
N VAL B 16 27.87 -8.99 6.80
CA VAL B 16 26.56 -9.63 6.60
C VAL B 16 26.67 -10.79 5.61
N PRO B 17 26.81 -12.04 6.11
CA PRO B 17 26.84 -13.21 5.26
C PRO B 17 25.53 -13.43 4.47
N LEU B 18 25.66 -14.21 3.41
CA LEU B 18 24.60 -14.64 2.58
C LEU B 18 24.49 -16.17 2.71
N GLN B 19 23.25 -16.65 2.82
CA GLN B 19 22.98 -18.07 2.75
C GLN B 19 23.59 -18.64 1.46
N GLN B 20 24.53 -19.58 1.62
CA GLN B 20 25.06 -20.35 0.48
C GLN B 20 23.96 -21.04 -0.31
N ASN B 21 24.10 -20.99 -1.64
CA ASN B 21 23.26 -21.67 -2.65
C ASN B 21 21.78 -21.49 -2.31
N PHE B 22 21.43 -20.22 -2.10
CA PHE B 22 20.10 -19.86 -1.67
C PHE B 22 19.06 -20.47 -2.62
N GLN B 23 17.99 -21.02 -2.04
CA GLN B 23 16.95 -21.70 -2.78
C GLN B 23 15.65 -20.89 -2.65
N ASP B 24 15.35 -20.08 -3.68
CA ASP B 24 14.25 -19.12 -3.60
C ASP B 24 12.91 -19.84 -3.44
N ASN B 25 12.74 -21.00 -4.09
CA ASN B 25 11.49 -21.77 -4.02
C ASN B 25 11.24 -22.29 -2.59
N GLN B 26 12.28 -22.83 -1.93
CA GLN B 26 12.15 -23.41 -0.60
C GLN B 26 11.96 -22.34 0.50
N PHE B 27 12.32 -21.09 0.20
CA PHE B 27 12.15 -19.98 1.13
C PHE B 27 10.71 -19.45 1.14
N HIS B 28 9.88 -19.86 0.19
CA HIS B 28 8.53 -19.34 0.02
C HIS B 28 7.67 -19.66 1.26
N GLY B 29 6.52 -18.98 1.30
CA GLY B 29 5.44 -19.29 2.24
C GLY B 29 5.50 -18.44 3.49
N LYS B 30 4.91 -18.93 4.57
CA LYS B 30 4.72 -18.13 5.76
C LYS B 30 5.86 -18.35 6.78
N TRP B 31 6.36 -17.23 7.30
CA TRP B 31 7.32 -17.19 8.40
C TRP B 31 6.74 -16.36 9.54
N TYR B 32 6.99 -16.78 10.78
CA TYR B 32 6.63 -15.97 11.92
C TYR B 32 7.86 -15.19 12.40
N VAL B 33 7.63 -13.95 12.85
CA VAL B 33 8.71 -13.15 13.41
C VAL B 33 8.92 -13.51 14.90
N VAL B 34 9.94 -14.35 15.15
CA VAL B 34 10.27 -14.90 16.47
C VAL B 34 11.26 -13.97 17.18
N GLY B 35 12.17 -13.36 16.43
CA GLY B 35 13.05 -12.32 16.93
C GLY B 35 13.17 -11.16 15.95
O 7N8 B 36 14.19 -7.43 17.55
C 7N8 B 36 14.44 -7.78 16.39
CA 7N8 B 36 13.54 -8.76 15.67
N 7N8 B 36 13.43 -9.95 16.48
CB 7N8 B 36 12.17 -8.12 15.45
CG 7N8 B 36 12.08 -7.16 14.29
CD2 7N8 B 36 12.77 -5.95 14.30
CE2 7N8 B 36 12.58 -5.01 13.30
CZ 7N8 B 36 11.69 -5.26 12.26
BZ 7N8 B 36 11.37 -4.17 11.11
OB1 7N8 B 36 12.45 -3.24 10.75
OB2 7N8 B 36 10.94 -5.06 9.96
CE1 7N8 B 36 11.04 -6.48 12.22
CD1 7N8 B 36 11.24 -7.42 13.24
N ALA B 37 15.54 -7.40 15.73
CA ALA B 37 16.53 -6.50 16.29
C ALA B 37 16.84 -5.40 15.28
N GLY B 38 17.06 -4.15 15.75
CA GLY B 38 17.37 -3.06 14.85
C GLY B 38 17.78 -1.79 15.58
N ASN B 39 18.36 -0.87 14.81
CA ASN B 39 18.91 0.37 15.35
C ASN B 39 17.80 1.37 15.66
N ALA B 40 16.56 1.08 15.21
CA ALA B 40 15.40 1.93 15.52
C ALA B 40 14.32 1.13 16.27
N ILE B 41 14.70 0.00 16.86
CA ILE B 41 13.79 -0.88 17.59
C ILE B 41 14.25 -0.94 19.04
N LEU B 42 13.32 -0.77 19.98
CA LEU B 42 13.63 -0.81 21.41
C LEU B 42 12.73 -1.81 22.11
N ARG B 43 13.35 -2.63 22.97
CA ARG B 43 12.65 -3.55 23.83
C ARG B 43 11.83 -2.73 24.81
N GLU B 44 10.60 -3.21 25.05
CA GLU B 44 9.68 -2.58 26.00
C GLU B 44 8.80 -3.68 26.61
N ASP B 45 9.04 -4.03 27.87
CA ASP B 45 8.43 -5.24 28.46
C ASP B 45 7.04 -4.95 29.06
N LYS B 46 6.68 -3.68 29.29
CA LYS B 46 5.38 -3.39 29.89
C LYS B 46 4.24 -3.75 28.92
N ASP B 47 4.41 -3.38 27.65
CA ASP B 47 3.43 -3.63 26.58
C ASP B 47 4.20 -4.19 25.39
N PRO B 48 4.64 -5.48 25.44
CA PRO B 48 5.64 -5.97 24.49
C PRO B 48 5.04 -6.15 23.09
N GLN B 49 5.91 -6.10 22.10
CA GLN B 49 5.51 -6.23 20.74
C GLN B 49 4.93 -7.64 20.57
N LYS B 50 3.81 -7.70 19.85
CA LYS B 50 3.20 -8.95 19.48
C LYS B 50 3.87 -9.47 18.22
N MET B 51 3.84 -10.80 18.11
CA MET B 51 4.32 -11.52 16.96
C MET B 51 3.51 -11.10 15.73
N PHE B 52 4.19 -11.02 14.57
CA PHE B 52 3.50 -10.92 13.30
C PHE B 52 4.09 -11.95 12.34
N ALA B 53 3.48 -12.07 11.16
CA ALA B 53 3.91 -13.06 10.16
C ALA B 53 4.21 -12.33 8.85
N THR B 54 5.11 -12.92 8.07
CA THR B 54 5.46 -12.45 6.74
C THR B 54 5.41 -13.64 5.78
N ILE B 55 4.64 -13.47 4.69
CA ILE B 55 4.45 -14.45 3.63
C ILE B 55 5.22 -14.01 2.38
N TYR B 56 6.09 -14.90 1.90
CA TYR B 56 6.90 -14.75 0.71
C TYR B 56 6.32 -15.57 -0.46
N GLU B 57 5.73 -14.92 -1.47
CA GLU B 57 5.21 -15.57 -2.62
C GLU B 57 6.18 -15.36 -3.80
N LEU B 58 6.76 -16.45 -4.30
CA LEU B 58 7.77 -16.38 -5.39
C LEU B 58 7.05 -16.24 -6.73
N LYS B 59 7.34 -15.16 -7.44
CA LYS B 59 6.66 -14.88 -8.72
C LYS B 59 7.40 -15.56 -9.87
N GLU B 60 6.70 -15.74 -10.99
CA GLU B 60 7.26 -16.25 -12.26
C GLU B 60 8.61 -15.59 -12.56
N ASP B 61 8.67 -14.26 -12.41
CA ASP B 61 9.88 -13.46 -12.72
C ASP B 61 10.91 -13.50 -11.57
N LYS B 62 10.64 -14.30 -10.52
CA LYS B 62 11.60 -14.64 -9.41
C LYS B 62 11.73 -13.50 -8.37
N SER B 63 10.96 -12.44 -8.54
CA SER B 63 10.61 -11.50 -7.45
C SER B 63 9.70 -12.21 -6.44
N TYR B 64 9.72 -11.73 -5.18
CA TYR B 64 8.75 -12.09 -4.15
C TYR B 64 7.71 -10.97 -3.98
N ASN B 65 6.43 -11.33 -3.96
CA ASN B 65 5.41 -10.53 -3.27
C ASN B 65 5.50 -10.89 -1.78
N VAL B 66 5.74 -9.88 -0.95
CA VAL B 66 6.00 -10.04 0.47
C VAL B 66 4.86 -9.34 1.23
N THR B 67 4.11 -10.10 2.01
CA THR B 67 3.00 -9.59 2.75
C THR B 67 3.22 -9.86 4.24
N SER B 68 3.34 -8.78 5.02
CA SER B 68 3.34 -8.90 6.45
C SER B 68 1.91 -8.73 6.92
N VAL B 69 1.52 -9.59 7.85
CA VAL B 69 0.21 -9.60 8.48
C VAL B 69 0.42 -9.34 9.96
N LEU B 70 -0.21 -8.25 10.45
CA LEU B 70 -0.10 -7.83 11.82
C LEU B 70 -1.49 -7.63 12.44
N PHE B 71 -1.57 -7.84 13.74
CA PHE B 71 -2.75 -7.52 14.57
C PHE B 71 -2.51 -6.15 15.22
N ARG B 72 -3.29 -5.15 14.82
CA ARG B 72 -2.96 -3.74 15.12
C ARG B 72 -4.26 -2.97 15.23
N LYS B 73 -4.42 -2.24 16.34
CA LYS B 73 -5.58 -1.42 16.66
C LYS B 73 -6.86 -2.23 16.39
N LYS B 74 -6.90 -3.47 16.90
CA LYS B 74 -8.10 -4.34 16.93
C LYS B 74 -8.53 -4.84 15.54
N LYS B 75 -7.66 -4.76 14.50
CA LYS B 75 -7.98 -5.39 13.22
C LYS B 75 -6.69 -5.91 12.58
N CYS B 76 -6.81 -6.59 11.44
CA CYS B 76 -5.62 -7.13 10.76
C CYS B 76 -5.07 -6.05 9.82
N ASP B 77 -3.77 -5.77 9.96
CA ASP B 77 -3.03 -4.79 9.19
C ASP B 77 -2.06 -5.51 8.26
N TYR B 78 -1.67 -4.84 7.17
CA TYR B 78 -0.77 -5.46 6.18
C TYR B 78 0.33 -4.46 5.78
N TRP B 79 1.50 -5.00 5.45
CA TRP B 79 2.47 -4.30 4.61
C TRP B 79 2.82 -5.22 3.45
N ILE B 80 2.36 -4.83 2.25
CA ILE B 80 2.65 -5.55 1.04
C ILE B 80 3.75 -4.78 0.31
N ARG B 81 4.76 -5.54 -0.14
CA ARG B 81 5.79 -4.96 -0.94
C ARG B 81 6.43 -6.05 -1.81
N THR B 82 7.28 -5.61 -2.74
CA THR B 82 7.92 -6.49 -3.69
C THR B 82 9.41 -6.50 -3.36
N PHE B 83 9.99 -7.70 -3.25
CA PHE B 83 11.43 -7.86 -3.21
C PHE B 83 11.91 -8.27 -4.62
N VAL B 84 12.76 -7.42 -5.22
CA VAL B 84 13.30 -7.64 -6.56
C VAL B 84 14.69 -8.24 -6.42
N PRO B 85 15.05 -9.30 -7.17
CA PRO B 85 16.34 -9.94 -6.97
C PRO B 85 17.48 -8.94 -7.23
N GLY B 86 18.52 -9.03 -6.42
CA GLY B 86 19.65 -8.11 -6.48
C GLY B 86 20.90 -8.74 -7.09
N SER B 87 22.09 -8.43 -6.56
CA SER B 87 23.35 -8.71 -7.26
C SER B 87 23.82 -10.14 -6.99
N GLN B 88 23.22 -10.82 -6.01
CA GLN B 88 23.56 -12.23 -5.83
C GLN B 88 22.41 -12.98 -5.14
N PRO B 89 22.37 -14.32 -5.24
CA PRO B 89 21.23 -15.11 -4.79
C PRO B 89 20.99 -14.94 -3.29
N GLY B 90 19.75 -14.59 -2.92
CA GLY B 90 19.43 -14.33 -1.55
C GLY B 90 19.49 -12.86 -1.20
N GLU B 91 19.82 -12.00 -2.17
CA GLU B 91 19.87 -10.57 -1.99
C GLU B 91 18.74 -9.92 -2.81
N PHE B 92 18.14 -8.87 -2.26
CA PHE B 92 17.00 -8.21 -2.90
C PHE B 92 17.05 -6.71 -2.62
N THR B 93 16.28 -5.96 -3.44
CA THR B 93 15.96 -4.58 -3.14
C THR B 93 14.42 -4.45 -3.11
N LEU B 94 13.93 -3.28 -2.69
CA LEU B 94 12.50 -3.00 -2.61
C LEU B 94 12.03 -2.50 -3.98
N GLY B 95 11.02 -3.15 -4.56
CA GLY B 95 10.33 -2.64 -5.74
C GLY B 95 9.66 -1.30 -5.47
N ASN B 96 9.64 -0.41 -6.46
CA ASN B 96 8.90 0.87 -6.39
C ASN B 96 9.40 1.72 -5.20
N ILE B 97 10.73 1.83 -5.08
CA ILE B 97 11.36 2.51 -3.92
C ILE B 97 10.91 3.99 -3.82
N LYS B 98 10.73 4.56 -5.00
CA LYS B 98 10.35 5.97 -5.14
C LYS B 98 9.06 6.26 -4.38
N SER B 99 8.21 5.25 -4.14
CA SER B 99 6.90 5.51 -3.53
C SER B 99 6.99 5.63 -1.99
N TYR B 100 8.17 5.39 -1.42
CA TYR B 100 8.40 5.54 0.01
C TYR B 100 9.15 6.86 0.23
N PRO B 101 8.52 7.94 0.77
CA PRO B 101 9.14 9.26 0.71
C PRO B 101 10.46 9.31 1.50
N GLY B 102 11.48 9.88 0.88
CA GLY B 102 12.78 10.00 1.50
C GLY B 102 13.64 8.75 1.39
N LEU B 103 13.09 7.66 0.84
CA LEU B 103 13.81 6.37 0.74
C LEU B 103 14.74 6.36 -0.48
N THR B 104 16.05 6.31 -0.23
CA THR B 104 17.02 6.39 -1.31
C THR B 104 17.65 5.02 -1.55
N SER B 105 17.56 4.07 -0.61
CA SER B 105 18.09 2.71 -0.88
C SER B 105 17.48 1.70 0.08
N TYR B 106 17.42 0.46 -0.38
CA TYR B 106 16.81 -0.63 0.40
C TYR B 106 17.45 -1.95 -0.01
N LEU B 107 18.00 -2.69 0.96
CA LEU B 107 18.73 -3.92 0.77
C LEU B 107 18.21 -5.02 1.69
N VAL B 108 17.97 -6.21 1.12
CA VAL B 108 17.61 -7.41 1.81
C VAL B 108 18.71 -8.45 1.58
N ARG B 109 19.14 -9.11 2.67
CA ARG B 109 20.07 -10.24 2.57
C ARG B 109 19.63 -11.38 3.49
N VAL B 110 19.35 -12.53 2.88
CA VAL B 110 19.06 -13.73 3.61
C VAL B 110 20.41 -14.28 4.09
N VAL B 111 20.60 -14.22 5.40
CA VAL B 111 21.87 -14.51 6.06
C VAL B 111 22.05 -16.02 6.21
N SER B 112 21.05 -16.71 6.77
CA SER B 112 21.04 -18.15 6.89
C SER B 112 19.60 -18.66 7.03
N THR B 113 19.35 -19.86 6.50
CA THR B 113 18.09 -20.54 6.67
C THR B 113 18.33 -22.02 6.42
N ASN B 114 17.49 -22.88 7.03
CA ASN B 114 17.39 -24.27 6.64
C ASN B 114 16.02 -24.52 6.00
N TYR B 115 15.27 -23.44 5.74
CA TYR B 115 14.07 -23.44 4.87
C TYR B 115 12.84 -24.02 5.58
N ASN B 116 12.99 -25.08 6.39
CA ASN B 116 11.82 -25.77 6.97
C ASN B 116 11.68 -25.46 8.47
N GLN B 117 12.60 -24.70 9.07
CA GLN B 117 12.47 -24.35 10.50
C GLN B 117 12.73 -22.86 10.75
N HIS B 118 13.91 -22.37 10.34
CA HIS B 118 14.37 -21.06 10.71
C HIS B 118 15.06 -20.32 9.55
N ALA B 119 15.10 -18.99 9.69
CA ALA B 119 15.86 -18.09 8.82
C ALA B 119 16.26 -16.85 9.62
N MET B 120 17.35 -16.21 9.20
CA MET B 120 17.73 -14.89 9.64
C MET B 120 17.93 -14.02 8.38
N VAL B 121 17.30 -12.85 8.39
CA VAL B 121 17.28 -11.96 7.26
C VAL B 121 17.69 -10.57 7.78
N PHE B 122 18.58 -9.93 7.02
CA PHE B 122 19.07 -8.61 7.25
C PHE B 122 18.43 -7.65 6.26
N PHE B 123 18.05 -6.48 6.75
CA PHE B 123 17.46 -5.42 5.98
C PHE B 123 18.20 -4.12 6.34
N LYS B 124 18.60 -3.35 5.35
CA LYS B 124 19.23 -2.06 5.55
C LYS B 124 18.61 -1.05 4.57
N TRP B 125 18.25 0.13 5.06
CA TRP B 125 17.73 1.16 4.18
C TRP B 125 18.21 2.56 4.61
N VAL B 126 18.10 3.51 3.68
CA VAL B 126 18.45 4.90 3.90
C VAL B 126 17.21 5.75 3.60
N SER B 127 16.84 6.57 4.59
CA SER B 127 15.66 7.42 4.57
C SER B 127 16.02 8.80 5.14
N GLN B 128 15.76 9.85 4.36
CA GLN B 128 16.19 11.20 4.68
C GLN B 128 17.62 11.18 5.26
N ASN B 129 18.52 10.52 4.53
CA ASN B 129 19.96 10.53 4.76
C ASN B 129 20.34 9.88 6.12
N ARG B 130 19.43 9.14 6.75
CA ARG B 130 19.76 8.34 7.97
C ARG B 130 19.74 6.85 7.60
N GLU B 131 20.68 6.09 8.19
CA GLU B 131 20.89 4.69 7.88
C GLU B 131 20.17 3.82 8.92
N TYR B 132 19.26 2.97 8.44
CA TYR B 132 18.49 2.07 9.30
C TYR B 132 18.80 0.62 8.93
N PHE B 133 18.71 -0.28 9.92
CA PHE B 133 18.86 -1.70 9.63
C PHE B 133 18.17 -2.53 10.70
N ASN B 134 17.77 -3.74 10.29
CA ASN B 134 17.26 -4.69 11.23
C ASN B 134 17.68 -6.09 10.81
N ILE B 135 17.59 -7.01 11.77
CA ILE B 135 17.77 -8.42 11.57
C ILE B 135 16.54 -9.11 12.12
N THR B 136 15.93 -9.99 11.32
CA THR B 136 14.77 -10.72 11.68
C THR B 136 15.13 -12.20 11.81
N LEU B 137 14.63 -12.82 12.90
CA LEU B 137 14.67 -14.25 13.08
C LEU B 137 13.26 -14.78 12.82
N TYR B 138 13.15 -15.51 11.72
CA TYR B 138 11.93 -16.14 11.28
C TYR B 138 11.88 -17.60 11.73
N GLY B 139 10.69 -18.07 12.12
CA GLY B 139 10.41 -19.44 12.33
C GLY B 139 9.24 -19.91 11.51
N ARG B 140 9.24 -21.20 11.15
CA ARG B 140 8.11 -21.79 10.49
C ARG B 140 6.97 -22.00 11.51
N THR B 141 7.35 -22.10 12.78
CA THR B 141 6.45 -22.12 13.93
C THR B 141 6.73 -20.87 14.76
N LYS B 142 5.89 -20.64 15.79
CA LYS B 142 5.95 -19.45 16.59
C LYS B 142 7.01 -19.54 17.69
N GLU B 143 7.58 -20.74 17.89
CA GLU B 143 8.65 -20.97 18.85
C GLU B 143 9.87 -21.50 18.10
N LEU B 144 11.07 -21.08 18.54
CA LEU B 144 12.34 -21.74 18.17
C LEU B 144 13.13 -22.05 19.44
N THR B 145 14.21 -22.81 19.28
CA THR B 145 15.05 -23.29 20.38
C THR B 145 15.82 -22.11 20.99
N SER B 146 16.24 -22.30 22.25
CA SER B 146 17.12 -21.37 22.93
C SER B 146 18.39 -21.14 22.10
N GLU B 147 18.92 -22.22 21.52
CA GLU B 147 20.18 -22.15 20.76
C GLU B 147 20.02 -21.17 19.58
N LEU B 148 18.93 -21.34 18.82
CA LEU B 148 18.69 -20.50 17.61
C LEU B 148 18.51 -19.04 18.03
N LYS B 149 17.89 -18.81 19.18
CA LYS B 149 17.59 -17.50 19.68
C LYS B 149 18.87 -16.84 20.22
N GLU B 150 19.79 -17.62 20.84
CA GLU B 150 21.03 -17.04 21.35
C GLU B 150 21.98 -16.74 20.18
N ASN B 151 21.98 -17.58 19.16
CA ASN B 151 22.69 -17.34 17.91
C ASN B 151 22.28 -15.99 17.30
N PHE B 152 20.97 -15.72 17.31
CA PHE B 152 20.43 -14.48 16.77
C PHE B 152 20.94 -13.28 17.59
N ILE B 153 20.96 -13.41 18.91
CA ILE B 153 21.46 -12.36 19.79
C ILE B 153 22.94 -12.08 19.44
N ARG B 154 23.72 -13.16 19.31
CA ARG B 154 25.14 -13.10 19.02
C ARG B 154 25.35 -12.31 17.72
N PHE B 155 24.64 -12.74 16.66
CA PHE B 155 24.77 -12.11 15.37
C PHE B 155 24.37 -10.63 15.44
N SER B 156 23.27 -10.35 16.13
CA SER B 156 22.79 -8.99 16.34
C SER B 156 23.89 -8.13 16.98
N LYS B 157 24.47 -8.64 18.06
CA LYS B 157 25.52 -7.95 18.80
C LYS B 157 26.73 -7.72 17.89
N SER B 158 27.07 -8.70 17.04
CA SER B 158 28.19 -8.60 16.13
C SER B 158 27.97 -7.47 15.11
N LEU B 159 26.72 -7.08 14.86
CA LEU B 159 26.44 -5.97 13.93
C LEU B 159 26.29 -4.64 14.69
N GLY B 160 26.56 -4.63 15.99
CA GLY B 160 26.64 -3.41 16.81
C GLY B 160 25.40 -3.15 17.67
N LEU B 161 24.45 -4.11 17.71
CA LEU B 161 23.20 -3.87 18.45
C LEU B 161 23.33 -4.33 19.90
N PRO B 162 23.14 -3.44 20.91
CA PRO B 162 23.01 -3.89 22.28
C PRO B 162 21.72 -4.68 22.53
N GLU B 163 21.64 -5.26 23.72
CA GLU B 163 20.57 -6.12 24.19
C GLU B 163 19.22 -5.41 24.09
N ASN B 164 19.18 -4.10 24.40
CA ASN B 164 17.89 -3.39 24.51
C ASN B 164 17.32 -3.10 23.10
N HIS B 165 18.05 -3.48 22.03
CA HIS B 165 17.59 -3.33 20.65
C HIS B 165 17.16 -4.66 20.03
N ILE B 166 17.00 -5.70 20.87
CA ILE B 166 16.68 -7.06 20.45
C ILE B 166 15.37 -7.45 21.14
N VAL B 167 14.37 -7.83 20.34
CA VAL B 167 13.04 -8.10 20.81
C VAL B 167 12.63 -9.51 20.39
N PHE B 168 11.96 -10.22 21.31
CA PHE B 168 11.34 -11.51 21.04
C PHE B 168 9.83 -11.36 21.12
N PRO B 169 9.15 -11.05 20.00
CA PRO B 169 7.71 -10.76 20.03
C PRO B 169 6.89 -11.91 20.65
N VAL B 170 5.84 -11.53 21.37
CA VAL B 170 5.01 -12.49 22.09
C VAL B 170 4.09 -13.18 21.07
N PRO B 171 4.08 -14.53 21.01
CA PRO B 171 3.14 -15.26 20.16
C PRO B 171 1.68 -14.85 20.38
N ILE B 172 0.94 -14.69 19.27
CA ILE B 172 -0.51 -14.43 19.30
C ILE B 172 -1.17 -15.33 18.26
N ASP B 173 -2.51 -15.36 18.26
CA ASP B 173 -3.26 -16.15 17.29
C ASP B 173 -3.96 -15.27 16.25
N GLN B 174 -4.50 -14.12 16.66
CA GLN B 174 -5.29 -13.24 15.79
C GLN B 174 -4.46 -12.80 14.57
N CYS B 175 -5.08 -12.94 13.38
CA CYS B 175 -4.58 -12.41 12.09
C CYS B 175 -3.46 -13.27 11.51
N ILE B 176 -2.52 -13.68 12.36
CA ILE B 176 -1.28 -14.29 11.90
C ILE B 176 -1.42 -15.80 11.74
N ASP B 177 -2.40 -16.40 12.42
CA ASP B 177 -2.60 -17.85 12.35
C ASP B 177 -4.10 -18.11 12.27
N GLY B 178 -4.60 -18.11 11.03
CA GLY B 178 -5.99 -18.44 10.69
C GLY B 178 -6.21 -19.94 10.67
N SER B 179 -6.32 -20.50 11.87
CA SER B 179 -6.52 -21.93 12.14
C SER B 179 -6.66 -22.18 13.65
N ALA B 180 -6.25 -21.21 14.49
CA ALA B 180 -6.31 -21.30 15.93
C ALA B 180 -7.69 -20.84 16.44
N TRP B 181 -8.37 -20.01 15.64
CA TRP B 181 -9.75 -19.54 15.91
C TRP B 181 -9.80 -18.90 17.31
N SER B 182 -10.68 -19.41 18.18
CA SER B 182 -10.94 -18.83 19.49
C SER B 182 -11.69 -19.88 20.33
N HIS B 183 -10.99 -20.41 21.33
CA HIS B 183 -11.45 -21.49 22.17
C HIS B 183 -10.86 -21.27 23.56
N PRO B 184 -11.37 -21.95 24.61
CA PRO B 184 -10.73 -21.90 25.92
C PRO B 184 -9.27 -22.38 25.84
N GLN B 185 -8.38 -21.71 26.56
CA GLN B 185 -6.97 -22.14 26.71
C GLN B 185 -6.93 -23.65 26.96
N PHE B 186 -6.17 -24.36 26.13
CA PHE B 186 -6.07 -25.82 26.15
C PHE B 186 -5.32 -26.32 27.40
N GLU B 187 -5.58 -27.59 27.72
CA GLU B 187 -4.98 -28.36 28.84
C GLU B 187 -3.53 -27.92 29.15
N LYS B 188 -3.41 -26.96 30.07
CA LYS B 188 -2.20 -26.63 30.85
C LYS B 188 -0.96 -26.62 29.95
C1 ZCQ C . -8.82 13.57 -12.34
C2 ZCQ C . -8.75 12.46 -13.16
C3 ZCQ C . -8.71 12.70 -14.52
C4 ZCQ C . -8.71 13.98 -15.06
C5 ZCQ C . -8.75 15.07 -14.22
C6 ZCQ C . -8.82 14.85 -12.87
N1 ZCQ C . -8.65 11.58 -15.44
O1 ZCQ C . -8.88 13.62 -10.98
O2 ZCQ C . -8.68 10.46 -14.96
O3 ZCQ C . -8.55 11.83 -16.63
C1 ZCQ D . 9.10 -3.88 10.55
C2 ZCQ D . 7.79 -3.48 10.49
C3 ZCQ D . 6.98 -4.17 9.60
C4 ZCQ D . 7.44 -5.22 8.81
C5 ZCQ D . 8.77 -5.60 8.91
C6 ZCQ D . 9.59 -4.91 9.77
N1 ZCQ D . 5.58 -3.79 9.50
O1 ZCQ D . 10.11 -3.38 11.34
O2 ZCQ D . 5.18 -2.86 10.18
O3 ZCQ D . 4.88 -4.40 8.71
#